data_7HAT
#
_entry.id   7HAT
#
_cell.length_a   68.150
_cell.length_b   90.490
_cell.length_c   98.560
_cell.angle_alpha   90.000
_cell.angle_beta   90.000
_cell.angle_gamma   90.000
#
_symmetry.space_group_name_H-M   'I 2 2 2'
#
loop_
_entity.id
_entity.type
_entity.pdbx_description
1 polymer 'Heat shock protein HSP 90-alpha'
2 non-polymer (furan-2-yl)(thiomorpholin-4-yl)methanone
3 water water
#
_entity_poly.entity_id   1
_entity_poly.type   'polypeptide(L)'
_entity_poly.pdbx_seq_one_letter_code
;MDQPMEEEEVETFAFQAEIAQLMSLIINTFYSNKEIFLRELISNSSDALDKIRYESLTDPSKLDSGKELHINLIPNKQDR
TLTIVDTGIGMTKADLINNLGTIAKSGTKAFMEALQAGADISMIGQFGVGFYSAYLVAEKVTVITKHNDDEQYAWESSAG
GSFTVRTDTGEPMGRGTKVILHLKEDQTEYLEERRIKEIVKKHSQFIGYPITLFVEKERDKEVSDDEAELEHHHHHH
;
_entity_poly.pdbx_strand_id   A
#
loop_
_chem_comp.id
_chem_comp.type
_chem_comp.name
_chem_comp.formula
A1AY5 non-polymer (furan-2-yl)(thiomorpholin-4-yl)methanone 'C9 H11 N O2 S'
#
# COMPACT_ATOMS: atom_id res chain seq x y z
N GLU A 9 15.61 -17.25 3.80
CA GLU A 9 15.40 -17.04 5.23
C GLU A 9 14.24 -16.08 5.45
N VAL A 10 13.12 -16.62 5.93
CA VAL A 10 11.89 -15.88 6.13
C VAL A 10 11.65 -15.74 7.63
N GLU A 11 11.40 -14.50 8.06
CA GLU A 11 11.07 -14.22 9.45
C GLU A 11 9.57 -13.97 9.57
N THR A 12 8.94 -14.57 10.57
CA THR A 12 7.52 -14.41 10.81
C THR A 12 7.31 -13.59 12.08
N PHE A 13 6.43 -12.59 12.00
CA PHE A 13 6.13 -11.69 13.11
C PHE A 13 4.64 -11.66 13.36
N ALA A 14 4.26 -11.41 14.61
CA ALA A 14 2.86 -11.19 14.96
C ALA A 14 2.52 -9.70 14.89
N PHE A 15 1.33 -9.39 14.38
CA PHE A 15 0.81 -8.04 14.44
C PHE A 15 0.53 -7.66 15.89
N GLN A 16 0.67 -6.38 16.21
CA GLN A 16 0.13 -5.88 17.46
C GLN A 16 -1.37 -6.15 17.52
N ALA A 17 -1.86 -6.46 18.72
CA ALA A 17 -3.24 -6.92 18.88
C ALA A 17 -4.23 -5.94 18.25
N GLU A 18 -3.99 -4.64 18.41
CA GLU A 18 -4.91 -3.64 17.87
C GLU A 18 -4.97 -3.68 16.36
N ILE A 19 -3.84 -3.94 15.71
CA ILE A 19 -3.81 -3.97 14.25
C ILE A 19 -4.45 -5.24 13.71
N ALA A 20 -4.18 -6.39 14.34
CA ALA A 20 -4.86 -7.62 13.93
C ALA A 20 -6.37 -7.48 14.08
N GLN A 21 -6.81 -6.76 15.11
CA GLN A 21 -8.24 -6.55 15.31
C GLN A 21 -8.84 -5.70 14.19
N LEU A 22 -8.11 -4.68 13.74
CA LEU A 22 -8.63 -3.85 12.66
C LEU A 22 -8.65 -4.62 11.34
N MET A 23 -7.61 -5.41 11.07
CA MET A 23 -7.55 -6.18 9.84
C MET A 23 -8.72 -7.16 9.76
N SER A 24 -9.05 -7.80 10.89
CA SER A 24 -10.17 -8.71 10.89
C SER A 24 -11.49 -7.95 10.71
N LEU A 25 -11.61 -6.75 11.29
CA LEU A 25 -12.78 -5.92 11.03
C LEU A 25 -12.92 -5.57 9.56
N ILE A 26 -11.82 -5.22 8.90
CA ILE A 26 -11.88 -4.84 7.50
C ILE A 26 -12.24 -6.03 6.62
N ILE A 27 -11.76 -7.23 6.96
CA ILE A 27 -12.02 -8.39 6.13
C ILE A 27 -13.45 -8.89 6.30
N ASN A 28 -14.01 -8.78 7.50
CA ASN A 28 -15.26 -9.45 7.83
C ASN A 28 -16.47 -8.51 7.92
N THR A 29 -16.28 -7.20 7.76
CA THR A 29 -17.42 -6.28 7.79
C THR A 29 -18.01 -6.15 6.39
N PHE A 30 -19.34 -6.19 6.33
CA PHE A 30 -20.05 -5.93 5.09
C PHE A 30 -19.96 -4.45 4.76
N TYR A 31 -19.28 -4.12 3.66
CA TYR A 31 -19.09 -2.72 3.27
C TYR A 31 -18.88 -2.71 1.76
N SER A 32 -19.87 -2.18 1.02
CA SER A 32 -19.89 -2.33 -0.42
C SER A 32 -18.98 -1.35 -1.15
N ASN A 33 -18.64 -0.22 -0.53
CA ASN A 33 -17.86 0.83 -1.17
C ASN A 33 -16.36 0.51 -1.11
N LYS A 34 -15.99 -0.63 -1.72
CA LYS A 34 -14.63 -1.13 -1.60
C LYS A 34 -13.63 -0.37 -2.46
N GLU A 35 -14.09 0.38 -3.47
CA GLU A 35 -13.17 1.02 -4.40
C GLU A 35 -12.23 2.02 -3.71
N ILE A 36 -12.55 2.45 -2.49
CA ILE A 36 -11.73 3.46 -1.83
C ILE A 36 -10.31 2.96 -1.54
N PHE A 37 -10.07 1.64 -1.62
CA PHE A 37 -8.72 1.15 -1.36
C PHE A 37 -7.72 1.76 -2.32
N LEU A 38 -8.12 2.03 -3.57
CA LEU A 38 -7.18 2.55 -4.56
C LEU A 38 -6.78 3.99 -4.24
N ARG A 39 -7.75 4.81 -3.82
CA ARG A 39 -7.46 6.15 -3.34
C ARG A 39 -6.44 6.13 -2.21
N GLU A 40 -6.61 5.21 -1.25
CA GLU A 40 -5.73 5.19 -0.08
C GLU A 40 -4.30 4.82 -0.46
N LEU A 41 -4.14 3.82 -1.33
CA LEU A 41 -2.79 3.37 -1.70
C LEU A 41 -2.11 4.40 -2.60
N ILE A 42 -2.86 5.02 -3.50
CA ILE A 42 -2.29 6.07 -4.34
C ILE A 42 -1.89 7.26 -3.47
N SER A 43 -2.69 7.58 -2.46
CA SER A 43 -2.34 8.67 -1.55
C SER A 43 -1.09 8.32 -0.76
N ASN A 44 -0.96 7.06 -0.33
CA ASN A 44 0.26 6.62 0.34
C ASN A 44 1.46 6.76 -0.59
N SER A 45 1.29 6.38 -1.87
CA SER A 45 2.36 6.53 -2.85
C SER A 45 2.75 8.00 -3.03
N SER A 46 1.73 8.87 -3.16
CA SER A 46 1.98 10.31 -3.32
C SER A 46 2.76 10.87 -2.13
N ASP A 47 2.44 10.43 -0.91
CA ASP A 47 3.19 10.88 0.27
C ASP A 47 4.64 10.42 0.20
N ALA A 48 4.88 9.18 -0.25
CA ALA A 48 6.24 8.65 -0.34
C ALA A 48 7.06 9.43 -1.37
N LEU A 49 6.42 9.79 -2.48
CA LEU A 49 7.07 10.61 -3.50
C LEU A 49 7.35 12.02 -2.98
N ASP A 50 6.40 12.63 -2.27
CA ASP A 50 6.66 13.92 -1.63
C ASP A 50 7.92 13.85 -0.76
N LYS A 51 8.06 12.76 -0.01
CA LYS A 51 9.16 12.67 0.95
C LYS A 51 10.52 12.63 0.26
N ILE A 52 10.65 11.80 -0.78
CA ILE A 52 11.93 11.73 -1.48
C ILE A 52 12.19 13.02 -2.26
N ARG A 53 11.13 13.66 -2.78
CA ARG A 53 11.32 14.91 -3.49
C ARG A 53 11.87 15.99 -2.57
N TYR A 54 11.33 16.07 -1.34
CA TYR A 54 11.80 17.06 -0.38
C TYR A 54 13.24 16.81 0.01
N GLU A 55 13.57 15.58 0.38
CA GLU A 55 14.93 15.25 0.82
C GLU A 55 15.94 15.55 -0.28
N SER A 56 15.57 15.33 -1.54
CA SER A 56 16.50 15.53 -2.63
C SER A 56 16.83 17.00 -2.86
N LEU A 57 16.05 17.91 -2.28
CA LEU A 57 16.37 19.33 -2.41
C LEU A 57 17.67 19.68 -1.70
N THR A 58 17.89 19.13 -0.51
CA THR A 58 19.13 19.41 0.20
C THR A 58 20.21 18.36 -0.04
N ASP A 59 19.88 17.26 -0.71
CA ASP A 59 20.85 16.20 -1.00
C ASP A 59 20.48 15.55 -2.32
N PRO A 60 20.90 16.14 -3.44
CA PRO A 60 20.48 15.62 -4.75
C PRO A 60 20.95 14.20 -5.04
N SER A 61 21.99 13.71 -4.36
CA SER A 61 22.45 12.35 -4.61
C SER A 61 21.42 11.31 -4.20
N LYS A 62 20.43 11.68 -3.38
CA LYS A 62 19.37 10.74 -3.02
C LYS A 62 18.55 10.30 -4.22
N LEU A 63 18.66 10.98 -5.37
CA LEU A 63 17.97 10.58 -6.59
C LEU A 63 18.88 9.80 -7.54
N ASP A 64 20.10 9.46 -7.11
CA ASP A 64 20.96 8.62 -7.94
C ASP A 64 20.33 7.28 -8.24
N SER A 65 19.44 6.80 -7.37
CA SER A 65 18.73 5.54 -7.56
C SER A 65 17.48 5.71 -8.41
N GLY A 66 17.27 6.88 -9.02
CA GLY A 66 16.12 7.09 -9.87
C GLY A 66 15.58 8.51 -9.81
N LYS A 67 15.69 9.24 -10.91
CA LYS A 67 15.22 10.62 -10.96
C LYS A 67 13.71 10.71 -11.15
N GLU A 68 13.09 9.72 -11.78
CA GLU A 68 11.68 9.81 -12.13
C GLU A 68 10.79 9.57 -10.92
N LEU A 69 9.79 10.43 -10.73
CA LEU A 69 8.83 10.33 -9.64
C LEU A 69 7.45 10.07 -10.23
N HIS A 70 6.95 8.83 -10.10
CA HIS A 70 5.70 8.48 -10.76
C HIS A 70 5.05 7.31 -10.04
N ILE A 71 3.83 6.99 -10.48
CA ILE A 71 3.01 5.89 -9.97
C ILE A 71 2.52 5.06 -11.16
N ASN A 72 2.68 3.75 -11.08
CA ASN A 72 2.19 2.85 -12.12
C ASN A 72 1.14 1.92 -11.53
N LEU A 73 0.05 1.73 -12.27
CA LEU A 73 -1.00 0.77 -11.91
C LEU A 73 -0.94 -0.37 -12.91
N ILE A 74 -0.74 -1.60 -12.43
CA ILE A 74 -0.47 -2.75 -13.28
C ILE A 74 -1.40 -3.90 -12.96
N PRO A 75 -2.54 -4.01 -13.65
CA PRO A 75 -3.41 -5.18 -13.45
C PRO A 75 -2.89 -6.39 -14.21
N ASN A 76 -3.14 -7.57 -13.64
CA ASN A 76 -2.69 -8.83 -14.21
C ASN A 76 -3.81 -9.85 -14.01
N LYS A 77 -4.58 -10.11 -15.06
CA LYS A 77 -5.71 -11.02 -14.96
C LYS A 77 -5.25 -12.46 -14.76
N GLN A 78 -4.11 -12.85 -15.34
CA GLN A 78 -3.65 -14.24 -15.25
C GLN A 78 -3.27 -14.60 -13.82
N ASP A 79 -2.56 -13.71 -13.14
CA ASP A 79 -2.19 -13.89 -11.74
C ASP A 79 -3.25 -13.38 -10.78
N ARG A 80 -4.27 -12.69 -11.28
CA ARG A 80 -5.28 -12.03 -10.46
C ARG A 80 -4.63 -11.07 -9.45
N THR A 81 -3.75 -10.21 -9.95
CA THR A 81 -3.06 -9.24 -9.10
C THR A 81 -3.25 -7.84 -9.65
N LEU A 82 -3.34 -6.89 -8.73
CA LEU A 82 -3.22 -5.47 -9.05
C LEU A 82 -2.02 -4.95 -8.28
N THR A 83 -1.06 -4.41 -9.02
CA THR A 83 0.17 -3.90 -8.45
C THR A 83 0.16 -2.37 -8.54
N ILE A 84 0.42 -1.72 -7.40
CA ILE A 84 0.64 -0.28 -7.37
C ILE A 84 2.12 -0.03 -7.11
N VAL A 85 2.80 0.60 -8.07
CA VAL A 85 4.24 0.87 -8.00
C VAL A 85 4.47 2.37 -7.90
N ASP A 86 5.30 2.80 -6.94
CA ASP A 86 5.78 4.18 -6.91
C ASP A 86 7.30 4.20 -6.79
N THR A 87 7.90 5.31 -7.17
CA THR A 87 9.33 5.53 -6.96
C THR A 87 9.57 6.52 -5.83
N GLY A 88 8.79 6.42 -4.76
CA GLY A 88 8.98 7.26 -3.59
C GLY A 88 10.20 6.90 -2.76
N ILE A 89 10.19 7.25 -1.47
CA ILE A 89 11.37 7.08 -0.62
C ILE A 89 11.63 5.62 -0.24
N GLY A 90 10.62 4.75 -0.28
CA GLY A 90 10.82 3.37 0.11
C GLY A 90 10.83 3.22 1.61
N MET A 91 10.96 1.97 2.06
CA MET A 91 11.01 1.69 3.48
C MET A 91 12.19 0.79 3.83
N THR A 92 12.80 1.08 4.97
CA THR A 92 13.86 0.24 5.52
C THR A 92 13.26 -0.99 6.20
N LYS A 93 14.14 -1.90 6.60
CA LYS A 93 13.71 -3.06 7.38
C LYS A 93 13.07 -2.63 8.70
N ALA A 94 13.70 -1.67 9.39
CA ALA A 94 13.13 -1.16 10.64
C ALA A 94 11.74 -0.57 10.43
N ASP A 95 11.53 0.15 9.31
CA ASP A 95 10.19 0.63 8.98
C ASP A 95 9.19 -0.52 8.88
N LEU A 96 9.54 -1.56 8.11
CA LEU A 96 8.62 -2.67 7.87
C LEU A 96 8.26 -3.41 9.15
N ILE A 97 9.25 -3.61 10.03
CA ILE A 97 9.06 -4.42 11.22
C ILE A 97 8.61 -3.59 12.41
N ASN A 98 9.25 -2.45 12.69
CA ASN A 98 9.06 -1.71 13.93
C ASN A 98 8.30 -0.40 13.74
N ASN A 99 8.82 0.52 12.93
CA ASN A 99 8.42 1.93 13.02
C ASN A 99 6.97 2.14 12.60
N LEU A 100 6.63 1.69 11.39
CA LEU A 100 5.31 1.99 10.85
C LEU A 100 4.20 1.35 11.69
N GLY A 101 4.46 0.17 12.24
CA GLY A 101 3.45 -0.49 13.04
C GLY A 101 3.27 0.17 14.41
N THR A 102 4.36 0.69 14.97
CA THR A 102 4.26 1.44 16.21
C THR A 102 3.38 2.67 16.03
N ILE A 103 3.53 3.37 14.90
CA ILE A 103 2.68 4.52 14.63
C ILE A 103 1.25 4.07 14.36
N ALA A 104 1.08 3.05 13.52
CA ALA A 104 -0.26 2.56 13.22
C ALA A 104 -1.03 2.12 14.45
N LYS A 105 -0.37 1.91 15.58
CA LYS A 105 -1.05 1.43 16.79
C LYS A 105 -2.06 2.45 17.29
N SER A 106 -1.68 3.72 17.37
CA SER A 106 -2.60 4.72 17.89
C SER A 106 -3.68 5.08 16.87
N GLY A 107 -3.34 5.09 15.58
CA GLY A 107 -4.33 5.43 14.57
C GLY A 107 -5.37 4.33 14.42
N THR A 108 -4.94 3.07 14.58
CA THR A 108 -5.88 1.95 14.58
C THR A 108 -6.87 2.08 15.73
N LYS A 109 -6.37 2.38 16.93
CA LYS A 109 -7.25 2.54 18.08
C LYS A 109 -8.25 3.67 17.86
N ALA A 110 -7.78 4.81 17.34
CA ALA A 110 -8.67 5.93 17.09
C ALA A 110 -9.66 5.64 15.97
N PHE A 111 -9.21 4.93 14.93
CA PHE A 111 -10.12 4.58 13.85
C PHE A 111 -11.25 3.68 14.35
N MET A 112 -10.94 2.71 15.19
CA MET A 112 -11.99 1.80 15.63
C MET A 112 -12.91 2.46 16.64
N GLU A 113 -12.39 3.40 17.43
CA GLU A 113 -13.28 4.16 18.31
C GLU A 113 -14.24 5.02 17.49
N ALA A 114 -13.75 5.61 16.39
CA ALA A 114 -14.61 6.40 15.52
C ALA A 114 -15.69 5.54 14.87
N LEU A 115 -15.33 4.33 14.42
CA LEU A 115 -16.31 3.44 13.80
C LEU A 115 -17.44 3.09 14.76
N GLN A 116 -17.18 3.11 16.06
CA GLN A 116 -18.26 2.94 17.03
C GLN A 116 -19.09 4.19 17.21
N ALA A 117 -18.52 5.37 16.93
CA ALA A 117 -19.27 6.61 17.04
C ALA A 117 -20.10 6.92 15.81
N GLY A 118 -20.09 6.05 14.81
CA GLY A 118 -20.86 6.24 13.59
C GLY A 118 -20.03 6.52 12.36
N ALA A 119 -18.72 6.69 12.50
CA ALA A 119 -17.84 6.86 11.34
C ALA A 119 -17.94 5.64 10.43
N ASP A 120 -17.49 5.79 9.20
CA ASP A 120 -17.52 4.67 8.27
C ASP A 120 -16.13 4.43 7.71
N ILE A 121 -15.99 3.27 7.06
CA ILE A 121 -14.69 2.72 6.70
C ILE A 121 -13.96 3.64 5.72
N SER A 122 -14.70 4.39 4.90
CA SER A 122 -14.08 5.25 3.91
C SER A 122 -13.25 6.37 4.52
N MET A 123 -13.42 6.65 5.81
CA MET A 123 -12.63 7.68 6.50
C MET A 123 -11.31 7.15 7.06
N ILE A 124 -10.95 5.89 6.78
CA ILE A 124 -9.76 5.26 7.34
C ILE A 124 -8.50 6.10 7.11
N GLY A 125 -8.43 6.83 6.00
CA GLY A 125 -7.24 7.64 5.73
C GLY A 125 -6.99 8.75 6.73
N GLN A 126 -8.04 9.29 7.34
CA GLN A 126 -7.83 10.36 8.31
C GLN A 126 -7.14 9.87 9.58
N PHE A 127 -6.97 8.56 9.72
CA PHE A 127 -6.33 7.99 10.89
C PHE A 127 -4.95 7.42 10.57
N GLY A 128 -4.47 7.60 9.34
CA GLY A 128 -3.13 7.18 8.98
C GLY A 128 -2.95 5.71 8.76
N VAL A 129 -4.02 4.92 8.71
CA VAL A 129 -3.89 3.49 8.52
C VAL A 129 -4.59 3.04 7.24
N GLY A 130 -4.59 3.90 6.22
CA GLY A 130 -5.31 3.61 5.00
C GLY A 130 -4.80 2.41 4.23
N PHE A 131 -3.55 1.99 4.48
CA PHE A 131 -3.01 0.82 3.79
C PHE A 131 -3.86 -0.41 4.04
N TYR A 132 -4.42 -0.55 5.24
CA TYR A 132 -5.18 -1.75 5.56
C TYR A 132 -6.47 -1.87 4.77
N SER A 133 -6.96 -0.78 4.16
CA SER A 133 -8.10 -0.89 3.26
C SER A 133 -7.81 -1.80 2.07
N ALA A 134 -6.55 -2.19 1.85
CA ALA A 134 -6.26 -3.16 0.81
C ALA A 134 -6.97 -4.48 1.06
N TYR A 135 -7.18 -4.86 2.32
CA TYR A 135 -7.81 -6.13 2.63
C TYR A 135 -9.33 -6.08 2.44
N LEU A 136 -9.86 -4.96 1.98
CA LEU A 136 -11.21 -4.96 1.41
C LEU A 136 -11.28 -5.82 0.17
N VAL A 137 -10.23 -5.79 -0.66
CA VAL A 137 -10.27 -6.44 -1.97
C VAL A 137 -9.26 -7.56 -2.12
N ALA A 138 -8.25 -7.66 -1.25
CA ALA A 138 -7.17 -8.63 -1.39
C ALA A 138 -7.23 -9.66 -0.28
N GLU A 139 -6.97 -10.92 -0.65
CA GLU A 139 -6.79 -11.95 0.37
C GLU A 139 -5.35 -11.98 0.88
N LYS A 140 -4.41 -11.45 0.11
CA LYS A 140 -3.02 -11.42 0.49
C LYS A 140 -2.39 -10.16 -0.12
N VAL A 141 -1.52 -9.51 0.64
CA VAL A 141 -0.84 -8.31 0.17
C VAL A 141 0.66 -8.54 0.31
N THR A 142 1.39 -8.34 -0.79
CA THR A 142 2.84 -8.35 -0.80
C THR A 142 3.37 -6.93 -1.03
N VAL A 143 4.35 -6.52 -0.24
CA VAL A 143 4.97 -5.19 -0.38
C VAL A 143 6.45 -5.38 -0.64
N ILE A 144 6.91 -4.96 -1.82
CA ILE A 144 8.32 -4.96 -2.17
C ILE A 144 8.82 -3.53 -2.07
N THR A 145 9.93 -3.30 -1.36
CA THR A 145 10.35 -1.93 -1.10
C THR A 145 11.87 -1.84 -1.03
N LYS A 146 12.39 -0.67 -1.41
CA LYS A 146 13.83 -0.41 -1.46
C LYS A 146 14.05 1.05 -1.04
N HIS A 147 14.70 1.24 0.10
CA HIS A 147 15.09 2.56 0.60
C HIS A 147 16.57 2.76 0.33
N ASN A 148 16.99 4.00 0.06
CA ASN A 148 18.38 4.29 -0.28
C ASN A 148 19.36 3.77 0.78
N ASP A 149 18.92 3.65 2.03
CA ASP A 149 19.79 3.28 3.12
C ASP A 149 19.72 1.80 3.47
N ASP A 150 19.05 0.98 2.66
CA ASP A 150 18.85 -0.42 3.03
C ASP A 150 18.79 -1.27 1.77
N GLU A 151 18.66 -2.59 1.95
CA GLU A 151 18.50 -3.51 0.83
C GLU A 151 17.03 -3.63 0.45
N GLN A 152 16.78 -4.38 -0.63
CA GLN A 152 15.41 -4.60 -1.08
C GLN A 152 14.76 -5.71 -0.25
N TYR A 153 13.55 -5.45 0.27
CA TYR A 153 12.85 -6.38 1.16
C TYR A 153 11.44 -6.67 0.63
N ALA A 154 10.92 -7.82 1.05
CA ALA A 154 9.54 -8.21 0.77
C ALA A 154 8.81 -8.45 2.08
N TRP A 155 7.72 -7.70 2.28
CA TRP A 155 6.77 -7.87 3.36
C TRP A 155 5.53 -8.55 2.81
N GLU A 156 4.89 -9.39 3.61
CA GLU A 156 3.74 -10.15 3.11
C GLU A 156 2.80 -10.55 4.24
N SER A 157 1.50 -10.40 4.00
CA SER A 157 0.54 -10.85 4.99
C SER A 157 -0.79 -11.22 4.36
N SER A 158 -1.32 -12.38 4.79
CA SER A 158 -2.69 -12.79 4.54
C SER A 158 -3.60 -12.50 5.73
N ALA A 159 -3.24 -11.52 6.54
CA ALA A 159 -3.90 -11.24 7.82
C ALA A 159 -3.80 -12.52 8.66
N GLY A 160 -4.81 -12.86 9.45
CA GLY A 160 -4.67 -13.99 10.34
C GLY A 160 -3.77 -13.74 11.54
N GLY A 161 -3.28 -12.52 11.69
CA GLY A 161 -2.50 -12.13 12.86
C GLY A 161 -0.99 -12.11 12.68
N SER A 162 -0.48 -12.38 11.47
CA SER A 162 0.95 -12.46 11.29
C SER A 162 1.36 -11.92 9.91
N PHE A 163 2.62 -11.55 9.82
CA PHE A 163 3.24 -11.12 8.57
C PHE A 163 4.67 -11.67 8.54
N THR A 164 5.24 -11.72 7.34
CA THR A 164 6.61 -12.18 7.15
C THR A 164 7.43 -11.08 6.48
N VAL A 165 8.74 -11.11 6.73
CA VAL A 165 9.69 -10.26 6.04
C VAL A 165 10.85 -11.12 5.57
N ARG A 166 11.31 -10.85 4.35
CA ARG A 166 12.51 -11.51 3.82
C ARG A 166 13.21 -10.53 2.89
N THR A 167 14.52 -10.73 2.71
CA THR A 167 15.21 -10.01 1.66
C THR A 167 14.69 -10.49 0.31
N ASP A 168 14.56 -9.58 -0.64
CA ASP A 168 13.95 -9.89 -1.93
C ASP A 168 15.02 -10.15 -2.97
N THR A 169 14.92 -11.30 -3.63
CA THR A 169 15.85 -11.72 -4.67
C THR A 169 15.34 -11.45 -6.07
N GLY A 170 14.13 -10.92 -6.22
CA GLY A 170 13.57 -10.63 -7.52
C GLY A 170 14.25 -9.49 -8.26
N GLU A 171 13.54 -8.91 -9.23
CA GLU A 171 14.09 -7.79 -9.99
C GLU A 171 14.43 -6.63 -9.06
N PRO A 172 15.64 -6.07 -9.14
CA PRO A 172 15.96 -4.88 -8.34
C PRO A 172 15.12 -3.68 -8.77
N MET A 173 14.69 -2.88 -7.79
CA MET A 173 13.74 -1.79 -8.02
C MET A 173 14.37 -0.41 -8.15
N GLY A 174 15.61 -0.24 -7.73
CA GLY A 174 16.20 1.09 -7.73
C GLY A 174 15.86 1.85 -6.46
N ARG A 175 14.57 2.18 -6.28
CA ARG A 175 14.07 2.87 -5.10
C ARG A 175 12.55 2.96 -5.21
N GLY A 176 11.86 2.75 -4.09
CA GLY A 176 10.43 2.92 -4.09
C GLY A 176 9.70 1.75 -3.45
N THR A 177 8.41 1.63 -3.77
CA THR A 177 7.55 0.65 -3.14
C THR A 177 6.61 0.09 -4.19
N LYS A 178 6.39 -1.23 -4.12
CA LYS A 178 5.46 -1.94 -4.98
C LYS A 178 4.50 -2.72 -4.10
N VAL A 179 3.21 -2.41 -4.18
CA VAL A 179 2.19 -3.12 -3.41
C VAL A 179 1.44 -4.05 -4.35
N ILE A 180 1.56 -5.35 -4.11
CA ILE A 180 0.92 -6.39 -4.92
C ILE A 180 -0.32 -6.88 -4.19
N LEU A 181 -1.50 -6.63 -4.76
CA LEU A 181 -2.76 -7.06 -4.17
C LEU A 181 -3.19 -8.38 -4.82
N HIS A 182 -3.16 -9.47 -4.05
CA HIS A 182 -3.67 -10.75 -4.51
C HIS A 182 -5.19 -10.74 -4.28
N LEU A 183 -5.96 -10.52 -5.33
CA LEU A 183 -7.35 -10.09 -5.14
C LEU A 183 -8.26 -11.26 -4.76
N LYS A 184 -9.32 -10.93 -4.01
CA LYS A 184 -10.34 -11.92 -3.72
C LYS A 184 -11.03 -12.33 -5.01
N GLU A 185 -11.61 -13.53 -4.98
CA GLU A 185 -12.22 -14.11 -6.18
C GLU A 185 -13.35 -13.22 -6.72
N ASP A 186 -14.15 -12.62 -5.84
CA ASP A 186 -15.28 -11.82 -6.29
C ASP A 186 -14.93 -10.34 -6.50
N GLN A 187 -13.64 -10.01 -6.58
CA GLN A 187 -13.23 -8.62 -6.74
C GLN A 187 -12.41 -8.38 -7.99
N THR A 188 -12.56 -9.22 -9.03
CA THR A 188 -11.75 -9.03 -10.23
C THR A 188 -12.17 -7.79 -11.03
N GLU A 189 -13.25 -7.10 -10.65
CA GLU A 189 -13.62 -5.89 -11.36
C GLU A 189 -12.49 -4.86 -11.33
N TYR A 190 -11.65 -4.88 -10.29
CA TYR A 190 -10.55 -3.92 -10.17
C TYR A 190 -9.34 -4.29 -11.04
N LEU A 191 -9.48 -5.29 -11.91
CA LEU A 191 -8.52 -5.53 -12.98
C LEU A 191 -8.98 -5.01 -14.33
N GLU A 192 -10.17 -4.41 -14.40
CA GLU A 192 -10.69 -3.87 -15.65
C GLU A 192 -10.18 -2.45 -15.85
N GLU A 193 -9.78 -2.16 -17.09
CA GLU A 193 -9.22 -0.85 -17.41
C GLU A 193 -10.24 0.27 -17.17
N ARG A 194 -11.47 0.10 -17.66
CA ARG A 194 -12.44 1.16 -17.51
C ARG A 194 -12.87 1.34 -16.05
N ARG A 195 -12.81 0.28 -15.25
CA ARG A 195 -13.10 0.42 -13.83
C ARG A 195 -12.01 1.20 -13.12
N ILE A 196 -10.75 0.83 -13.34
CA ILE A 196 -9.63 1.54 -12.71
C ILE A 196 -9.62 3.00 -13.11
N LYS A 197 -9.85 3.28 -14.41
CA LYS A 197 -9.90 4.66 -14.87
C LYS A 197 -10.97 5.45 -14.11
N GLU A 198 -12.17 4.86 -13.99
CA GLU A 198 -13.26 5.49 -13.25
C GLU A 198 -12.86 5.84 -11.83
N ILE A 199 -12.15 4.94 -11.16
CA ILE A 199 -11.82 5.14 -9.75
C ILE A 199 -10.76 6.23 -9.59
N VAL A 200 -9.75 6.22 -10.45
CA VAL A 200 -8.71 7.23 -10.40
C VAL A 200 -9.31 8.60 -10.70
N LYS A 201 -10.17 8.67 -11.72
CA LYS A 201 -10.84 9.93 -12.07
C LYS A 201 -11.68 10.46 -10.91
N LYS A 202 -12.42 9.58 -10.25
CA LYS A 202 -13.29 10.00 -9.16
C LYS A 202 -12.50 10.47 -7.94
N HIS A 203 -11.45 9.72 -7.57
CA HIS A 203 -10.83 9.85 -6.26
C HIS A 203 -9.41 10.42 -6.25
N SER A 204 -8.71 10.42 -7.38
CA SER A 204 -7.29 10.73 -7.40
C SER A 204 -6.93 11.69 -8.53
N GLN A 205 -7.88 12.52 -8.96
CA GLN A 205 -7.65 13.33 -10.16
C GLN A 205 -6.54 14.37 -9.96
N PHE A 206 -6.33 14.84 -8.73
CA PHE A 206 -5.39 15.93 -8.48
C PHE A 206 -4.07 15.49 -7.86
N ILE A 207 -3.77 14.19 -7.88
CA ILE A 207 -2.45 13.72 -7.44
C ILE A 207 -1.37 14.37 -8.30
N GLY A 208 -0.32 14.84 -7.65
CA GLY A 208 0.66 15.68 -8.32
C GLY A 208 1.82 14.92 -8.94
N TYR A 209 1.57 13.70 -9.39
CA TYR A 209 2.55 12.84 -10.05
C TYR A 209 1.85 12.10 -11.16
N PRO A 210 2.56 11.74 -12.23
CA PRO A 210 1.92 10.98 -13.32
C PRO A 210 1.51 9.60 -12.83
N ILE A 211 0.24 9.27 -13.05
CA ILE A 211 -0.32 7.94 -12.77
C ILE A 211 -0.55 7.26 -14.11
N THR A 212 0.15 6.16 -14.36
CA THR A 212 0.06 5.47 -15.64
C THR A 212 -0.65 4.13 -15.43
N LEU A 213 -1.77 3.95 -16.13
CA LEU A 213 -2.51 2.70 -16.07
C LEU A 213 -2.02 1.79 -17.19
N PHE A 214 -1.29 0.74 -16.82
CA PHE A 214 -0.80 -0.22 -17.80
C PHE A 214 -1.96 -1.03 -18.38
N VAL A 215 -1.93 -1.23 -19.69
CA VAL A 215 -2.90 -2.05 -20.42
C VAL A 215 -2.35 -3.46 -20.51
N GLU A 216 -3.23 -4.45 -20.43
CA GLU A 216 -2.81 -5.84 -20.53
C GLU A 216 -2.70 -6.28 -21.97
N LYS A 217 -1.78 -7.20 -22.21
CA LYS A 217 -1.60 -7.81 -23.53
C LYS A 217 -2.46 -9.07 -23.62
C8 A1AY5 B . 2.90 -2.80 5.10
C5 A1AY5 B . 4.39 -4.08 11.40
C6 A1AY5 B . 4.34 -2.75 7.40
N1 A1AY5 B . 2.88 -2.83 7.56
C2 A1AY5 B . 2.83 -3.51 9.95
C4 A1AY5 B . 3.23 -3.86 12.11
C1 A1AY5 B . 2.19 -3.21 8.66
C3 A1AY5 B . 2.25 -3.50 11.17
C7 A1AY5 B . 4.74 -1.54 6.60
C9 A1AY5 B . 2.14 -2.45 6.37
O1 A1AY5 B . 0.96 -3.29 8.62
O2 A1AY5 B . 4.15 -3.88 10.07
S1 A1AY5 B . 4.31 -1.71 4.85
#